data_1O1Z
#
_entry.id   1O1Z
#
_cell.length_a   132.410
_cell.length_b   41.790
_cell.length_c   51.720
_cell.angle_alpha   90.00
_cell.angle_beta   90.00
_cell.angle_gamma   90.00
#
_symmetry.space_group_name_H-M   'P 21 21 2'
#
loop_
_entity.id
_entity.type
_entity.pdbx_description
1 polymer 'glycerophosphodiester phosphodiesterase'
2 non-polymer 'SODIUM ION'
3 water water
#
_entity_poly.entity_id   1
_entity_poly.type   'polypeptide(L)'
_entity_poly.pdbx_seq_one_letter_code
;MGSDKIHHHHHHVIVLGHRGYSAKYLENTLEAFMKAIEAGANGVELDVRLSKDGKVVVSHDEDLKRLFGLDVKIRDATVS
ELKELTDGKITTLKEVFENVSDDKIINIEIKEREAADAVLEISKKRKNLIFSSFDLDLLDEKFKGTKYGYLIDEENYGSI
ENFVERVEKERPYSLHVPYQAFELEYAVEVLRSFRKKGIVIFVWTLNDPEIYRKIRREIDGVITDEVELFVKLR
;
_entity_poly.pdbx_strand_id   A
#
loop_
_chem_comp.id
_chem_comp.type
_chem_comp.name
_chem_comp.formula
NA non-polymer 'SODIUM ION' 'Na 1'
#
# COMPACT_ATOMS: atom_id res chain seq x y z
N HIS A 9 -17.40 21.17 3.19
CA HIS A 9 -15.98 21.46 2.84
C HIS A 9 -15.07 20.80 3.85
N HIS A 10 -13.99 20.18 3.36
CA HIS A 10 -13.11 19.39 4.21
C HIS A 10 -11.64 19.65 3.94
N HIS A 11 -10.78 19.18 4.84
CA HIS A 11 -9.33 19.27 4.68
C HIS A 11 -8.86 18.20 3.69
N HIS A 12 -7.66 18.38 3.14
CA HIS A 12 -7.22 17.52 2.03
C HIS A 12 -6.78 16.14 2.51
N VAL A 13 -7.16 15.15 1.72
CA VAL A 13 -6.85 13.75 1.99
C VAL A 13 -6.14 13.18 0.79
N ILE A 14 -5.03 12.52 1.02
CA ILE A 14 -4.26 11.84 -0.04
C ILE A 14 -5.09 10.65 -0.51
N VAL A 15 -5.32 10.55 -1.81
CA VAL A 15 -6.07 9.43 -2.39
C VAL A 15 -5.10 8.51 -3.14
N LEU A 16 -5.02 7.26 -2.70
CA LEU A 16 -4.19 6.26 -3.36
C LEU A 16 -5.07 5.18 -3.96
N GLY A 17 -4.79 4.81 -5.20
CA GLY A 17 -5.50 3.73 -5.86
C GLY A 17 -5.00 2.39 -5.41
N HIS A 18 -5.87 1.60 -4.78
CA HIS A 18 -5.58 0.27 -4.26
C HIS A 18 -5.33 -0.71 -5.40
N ARG A 19 -4.08 -1.10 -5.56
CA ARG A 19 -3.68 -1.89 -6.75
C ARG A 19 -3.97 -1.13 -8.04
N GLY A 20 -3.81 0.19 -7.98
CA GLY A 20 -4.20 1.08 -9.07
C GLY A 20 -5.69 1.40 -9.02
N TYR A 21 -6.26 1.76 -10.17
CA TYR A 21 -7.69 2.02 -10.28
C TYR A 21 -8.36 0.67 -10.50
N SER A 22 -8.40 -0.12 -9.44
CA SER A 22 -8.73 -1.54 -9.58
C SER A 22 -10.23 -1.81 -9.71
N ALA A 23 -11.08 -0.82 -9.42
CA ALA A 23 -12.53 -0.98 -9.66
C ALA A 23 -12.85 -1.06 -11.15
N LYS A 24 -12.01 -0.46 -11.98
CA LYS A 24 -12.26 -0.36 -13.43
C LYS A 24 -11.24 -1.08 -14.33
N TYR A 25 -10.06 -1.34 -13.79
CA TYR A 25 -8.96 -1.94 -14.55
C TYR A 25 -8.34 -3.06 -13.73
N LEU A 26 -7.70 -3.99 -14.42
CA LEU A 26 -7.16 -5.16 -13.73
C LEU A 26 -6.10 -4.76 -12.69
N GLU A 27 -6.32 -5.20 -11.45
CA GLU A 27 -5.50 -4.85 -10.32
C GLU A 27 -4.02 -5.07 -10.59
N ASN A 28 -3.23 -4.13 -10.09
CA ASN A 28 -1.78 -4.26 -10.07
C ASN A 28 -1.10 -4.31 -11.45
N THR A 29 -1.82 -3.85 -12.48
CA THR A 29 -1.22 -3.72 -13.83
C THR A 29 -0.81 -2.30 -14.11
N LEU A 30 0.06 -2.12 -15.11
CA LEU A 30 0.49 -0.77 -15.45
C LEU A 30 -0.70 0.07 -15.86
N GLU A 31 -1.64 -0.51 -16.60
CA GLU A 31 -2.84 0.20 -16.98
C GLU A 31 -3.59 0.70 -15.76
N ALA A 32 -3.79 -0.16 -14.76
CA ALA A 32 -4.52 0.27 -13.56
C ALA A 32 -3.80 1.41 -12.84
N PHE A 33 -2.47 1.33 -12.75
CA PHE A 33 -1.72 2.40 -12.08
C PHE A 33 -1.80 3.70 -12.86
N MET A 34 -1.60 3.63 -14.18
CA MET A 34 -1.66 4.84 -15.02
C MET A 34 -3.06 5.48 -14.98
N LYS A 35 -4.10 4.66 -15.00
CA LYS A 35 -5.47 5.16 -14.96
C LYS A 35 -5.83 5.82 -13.62
N ALA A 36 -5.24 5.34 -12.52
CA ALA A 36 -5.44 5.98 -11.23
C ALA A 36 -4.88 7.39 -11.25
N ILE A 37 -3.69 7.53 -11.80
CA ILE A 37 -3.03 8.84 -11.88
C ILE A 37 -3.79 9.77 -12.83
N GLU A 38 -4.27 9.23 -13.95
CA GLU A 38 -5.07 10.02 -14.89
C GLU A 38 -6.37 10.54 -14.26
N ALA A 39 -6.92 9.74 -13.35
CA ALA A 39 -8.16 10.05 -12.63
C ALA A 39 -7.97 11.04 -11.48
N GLY A 40 -6.72 11.41 -11.23
CA GLY A 40 -6.40 12.43 -10.25
C GLY A 40 -5.91 11.95 -8.90
N ALA A 41 -5.60 10.66 -8.78
CA ALA A 41 -5.08 10.11 -7.53
C ALA A 41 -3.74 10.76 -7.19
N ASN A 42 -3.45 10.86 -5.91
CA ASN A 42 -2.13 11.31 -5.48
C ASN A 42 -1.06 10.24 -5.66
N GLY A 43 -1.49 8.99 -5.86
CA GLY A 43 -0.58 7.88 -6.05
C GLY A 43 -1.30 6.56 -6.07
N VAL A 44 -0.55 5.49 -5.85
CA VAL A 44 -1.07 4.14 -5.91
C VAL A 44 -0.48 3.31 -4.80
N GLU A 45 -1.19 2.26 -4.42
CA GLU A 45 -0.68 1.21 -3.53
C GLU A 45 -0.51 -0.03 -4.38
N LEU A 46 0.54 -0.78 -4.11
CA LEU A 46 0.77 -2.04 -4.82
C LEU A 46 1.50 -3.02 -3.94
N ASP A 47 1.57 -4.28 -4.38
CA ASP A 47 2.08 -5.38 -3.61
C ASP A 47 3.27 -6.01 -4.32
N VAL A 48 4.35 -6.29 -3.58
CA VAL A 48 5.56 -6.85 -4.18
C VAL A 48 6.00 -8.16 -3.59
N ARG A 49 6.56 -9.00 -4.48
CA ARG A 49 7.04 -10.34 -4.20
C ARG A 49 8.25 -10.62 -5.10
N LEU A 50 8.90 -11.74 -4.86
CA LEU A 50 10.01 -12.15 -5.73
C LEU A 50 9.65 -13.25 -6.70
N SER A 51 10.20 -13.09 -7.91
CA SER A 51 10.18 -14.13 -8.91
C SER A 51 11.30 -15.13 -8.63
N LYS A 52 11.31 -16.20 -9.41
CA LYS A 52 12.31 -17.25 -9.24
C LYS A 52 13.72 -16.71 -9.42
N ASP A 53 13.87 -15.79 -10.37
CA ASP A 53 15.16 -15.15 -10.65
C ASP A 53 15.47 -13.92 -9.79
N GLY A 54 14.69 -13.73 -8.71
CA GLY A 54 15.01 -12.78 -7.67
C GLY A 54 14.67 -11.34 -8.01
N LYS A 55 13.75 -11.17 -8.95
CA LYS A 55 13.32 -9.85 -9.36
C LYS A 55 12.04 -9.48 -8.65
N VAL A 56 11.83 -8.19 -8.44
CA VAL A 56 10.68 -7.68 -7.70
C VAL A 56 9.51 -7.55 -8.65
N VAL A 57 8.51 -8.40 -8.43
CA VAL A 57 7.29 -8.46 -9.25
C VAL A 57 6.10 -7.92 -8.45
N VAL A 58 5.13 -7.37 -9.16
CA VAL A 58 3.94 -6.79 -8.54
C VAL A 58 2.81 -7.84 -8.57
N SER A 59 2.47 -8.42 -7.42
CA SER A 59 1.40 -9.39 -7.32
C SER A 59 0.95 -9.47 -5.87
N HIS A 60 -0.34 -9.26 -5.63
CA HIS A 60 -0.87 -9.46 -4.27
C HIS A 60 -0.76 -10.92 -3.79
N ASP A 61 -1.25 -11.86 -4.59
CA ASP A 61 -1.25 -13.26 -4.23
C ASP A 61 0.10 -13.88 -4.56
N GLU A 62 0.41 -15.01 -3.95
CA GLU A 62 1.68 -15.69 -4.21
C GLU A 62 1.63 -16.53 -5.49
N ASP A 63 0.45 -16.67 -6.09
CA ASP A 63 0.28 -17.47 -7.32
C ASP A 63 -0.66 -16.77 -8.30
N LEU A 64 -0.85 -17.36 -9.46
CA LEU A 64 -1.66 -16.77 -10.53
C LEU A 64 -3.07 -17.35 -10.62
N LYS A 65 -3.54 -18.03 -9.58
CA LYS A 65 -4.80 -18.76 -9.66
C LYS A 65 -6.02 -17.84 -9.77
N ARG A 66 -6.10 -16.84 -8.90
CA ARG A 66 -7.32 -16.02 -8.80
C ARG A 66 -7.58 -15.20 -10.05
N LEU A 67 -6.54 -14.62 -10.62
CA LEU A 67 -6.71 -13.65 -11.71
C LEU A 67 -6.55 -14.28 -13.09
N PHE A 68 -5.78 -15.37 -13.17
CA PHE A 68 -5.45 -16.02 -14.45
C PHE A 68 -5.85 -17.50 -14.55
N GLY A 69 -6.23 -18.12 -13.44
CA GLY A 69 -6.63 -19.51 -13.44
C GLY A 69 -5.46 -20.45 -13.61
N LEU A 70 -4.27 -19.99 -13.23
CA LEU A 70 -3.06 -20.79 -13.42
C LEU A 70 -2.45 -21.13 -12.08
N ASP A 71 -2.19 -22.41 -11.85
CA ASP A 71 -1.64 -22.90 -10.60
C ASP A 71 -0.11 -22.82 -10.68
N VAL A 72 0.36 -21.58 -10.70
CA VAL A 72 1.78 -21.25 -10.82
C VAL A 72 2.12 -20.24 -9.75
N LYS A 73 3.10 -20.53 -8.92
CA LYS A 73 3.57 -19.59 -7.93
C LYS A 73 4.53 -18.59 -8.54
N ILE A 74 4.43 -17.35 -8.11
CA ILE A 74 5.32 -16.27 -8.55
C ILE A 74 6.78 -16.68 -8.37
N ARG A 75 7.12 -17.27 -7.22
CA ARG A 75 8.52 -17.57 -6.93
C ARG A 75 9.05 -18.79 -7.68
N ASP A 76 8.17 -19.48 -8.40
CA ASP A 76 8.52 -20.69 -9.13
C ASP A 76 8.78 -20.37 -10.62
N ALA A 77 8.53 -19.13 -11.02
CA ALA A 77 8.69 -18.73 -12.42
C ALA A 77 9.57 -17.49 -12.51
N THR A 78 10.35 -17.38 -13.59
CA THR A 78 11.09 -16.16 -13.85
C THR A 78 10.15 -15.04 -14.29
N VAL A 79 10.64 -13.80 -14.25
CA VAL A 79 9.83 -12.68 -14.76
C VAL A 79 9.35 -12.92 -16.19
N SER A 80 10.26 -13.38 -17.06
CA SER A 80 9.90 -13.65 -18.45
C SER A 80 8.78 -14.70 -18.54
N GLU A 81 8.91 -15.78 -17.76
CA GLU A 81 7.89 -16.84 -17.73
C GLU A 81 6.54 -16.31 -17.24
N LEU A 82 6.57 -15.46 -16.23
CA LEU A 82 5.35 -14.85 -15.70
C LEU A 82 4.68 -13.94 -16.72
N LYS A 83 5.47 -13.16 -17.43
CA LYS A 83 4.94 -12.33 -18.50
C LYS A 83 4.37 -13.16 -19.64
N GLU A 84 5.01 -14.27 -19.99
CA GLU A 84 4.48 -15.13 -21.02
C GLU A 84 3.13 -15.69 -20.59
N LEU A 85 3.05 -16.19 -19.35
CA LEU A 85 1.82 -16.81 -18.83
C LEU A 85 0.65 -15.84 -18.73
N THR A 86 0.94 -14.57 -18.44
CA THR A 86 -0.09 -13.54 -18.25
C THR A 86 -0.25 -12.62 -19.48
N ASP A 87 0.31 -13.04 -20.61
CA ASP A 87 0.48 -12.24 -21.83
C ASP A 87 0.82 -10.79 -21.57
N GLY A 88 1.81 -10.62 -20.71
CA GLY A 88 2.42 -9.34 -20.49
C GLY A 88 1.76 -8.52 -19.42
N LYS A 89 0.70 -9.02 -18.76
CA LYS A 89 -0.05 -8.16 -17.82
C LYS A 89 0.66 -8.00 -16.48
N ILE A 90 1.40 -9.00 -16.04
CA ILE A 90 2.14 -8.85 -14.79
C ILE A 90 3.29 -7.90 -15.02
N THR A 91 3.56 -7.04 -14.04
CA THR A 91 4.62 -6.07 -14.14
C THR A 91 5.60 -6.15 -12.99
N THR A 92 6.70 -5.45 -13.14
CA THR A 92 7.77 -5.41 -12.13
C THR A 92 7.77 -4.05 -11.49
N LEU A 93 8.35 -3.97 -10.29
CA LEU A 93 8.46 -2.69 -9.63
C LEU A 93 9.25 -1.68 -10.47
N LYS A 94 10.34 -2.16 -11.08
CA LYS A 94 11.12 -1.34 -12.00
C LYS A 94 10.24 -0.67 -13.08
N GLU A 95 9.36 -1.46 -13.71
CA GLU A 95 8.47 -0.94 -14.75
C GLU A 95 7.44 0.07 -14.22
N VAL A 96 6.95 -0.13 -13.00
CA VAL A 96 6.04 0.84 -12.40
C VAL A 96 6.74 2.19 -12.25
N PHE A 97 7.98 2.18 -11.77
CA PHE A 97 8.74 3.42 -11.60
C PHE A 97 8.93 4.14 -12.93
N GLU A 98 9.11 3.39 -14.03
CA GLU A 98 9.25 3.97 -15.36
C GLU A 98 7.98 4.63 -15.89
N ASN A 99 6.83 4.24 -15.35
CA ASN A 99 5.52 4.67 -15.84
C ASN A 99 4.68 5.57 -14.91
N VAL A 100 5.17 5.79 -13.70
CA VAL A 100 4.51 6.65 -12.72
C VAL A 100 5.52 7.72 -12.28
N SER A 101 5.16 8.97 -12.50
CA SER A 101 6.01 10.10 -12.16
C SER A 101 6.35 10.10 -10.69
N ASP A 102 7.57 10.48 -10.35
CA ASP A 102 8.01 10.57 -8.98
C ASP A 102 7.42 11.72 -8.18
N ASP A 103 6.57 12.53 -8.79
CA ASP A 103 5.73 13.44 -8.03
C ASP A 103 4.53 12.74 -7.41
N LYS A 104 4.27 11.52 -7.84
CA LYS A 104 3.17 10.74 -7.30
C LYS A 104 3.70 9.74 -6.29
N ILE A 105 2.87 9.41 -5.31
CA ILE A 105 3.25 8.50 -4.24
C ILE A 105 3.09 7.07 -4.68
N ILE A 106 4.04 6.22 -4.34
CA ILE A 106 3.85 4.79 -4.47
C ILE A 106 4.02 4.14 -3.10
N ASN A 107 2.94 3.55 -2.61
CA ASN A 107 2.93 2.80 -1.37
C ASN A 107 3.18 1.36 -1.73
N ILE A 108 4.38 0.88 -1.42
CA ILE A 108 4.79 -0.49 -1.72
C ILE A 108 4.55 -1.35 -0.51
N GLU A 109 3.61 -2.29 -0.62
CA GLU A 109 3.38 -3.26 0.44
C GLU A 109 4.29 -4.45 0.18
N ILE A 110 5.14 -4.73 1.16
CA ILE A 110 6.06 -5.85 1.08
C ILE A 110 5.31 -7.09 1.52
N LYS A 111 5.14 -8.05 0.62
CA LYS A 111 4.43 -9.28 0.96
C LYS A 111 5.32 -10.40 1.50
N GLU A 112 6.62 -10.29 1.24
CA GLU A 112 7.64 -11.29 1.56
C GLU A 112 8.89 -10.63 2.09
N ARG A 113 9.35 -11.04 3.28
CA ARG A 113 10.59 -10.50 3.83
C ARG A 113 11.75 -10.65 2.87
N GLU A 114 11.81 -11.76 2.15
CA GLU A 114 12.92 -12.00 1.25
C GLU A 114 13.02 -11.00 0.08
N ALA A 115 11.94 -10.26 -0.18
CA ALA A 115 11.95 -9.22 -1.21
C ALA A 115 12.50 -7.90 -0.72
N ALA A 116 12.66 -7.73 0.60
CA ALA A 116 12.96 -6.43 1.16
C ALA A 116 14.29 -5.85 0.65
N ASP A 117 15.36 -6.65 0.62
CA ASP A 117 16.65 -6.09 0.20
C ASP A 117 16.59 -5.61 -1.26
N ALA A 118 15.99 -6.41 -2.14
CA ALA A 118 15.85 -6.03 -3.54
C ALA A 118 14.99 -4.79 -3.74
N VAL A 119 13.93 -4.67 -2.95
CA VAL A 119 13.06 -3.51 -3.00
C VAL A 119 13.84 -2.26 -2.57
N LEU A 120 14.59 -2.36 -1.49
CA LEU A 120 15.35 -1.22 -0.99
C LEU A 120 16.40 -0.77 -2.01
N GLU A 121 17.04 -1.72 -2.67
CA GLU A 121 18.05 -1.36 -3.65
C GLU A 121 17.46 -0.60 -4.82
N ILE A 122 16.34 -1.09 -5.37
CA ILE A 122 15.75 -0.45 -6.53
C ILE A 122 15.12 0.89 -6.15
N SER A 123 14.78 1.04 -4.88
CA SER A 123 14.12 2.24 -4.40
C SER A 123 15.09 3.37 -4.09
N LYS A 124 16.39 3.11 -4.08
CA LYS A 124 17.36 4.12 -3.69
C LYS A 124 17.28 5.37 -4.48
N LYS A 125 17.03 5.22 -5.77
CA LYS A 125 17.01 6.34 -6.70
C LYS A 125 15.71 7.16 -6.70
N ARG A 126 14.65 6.61 -6.10
CA ARG A 126 13.31 7.10 -6.31
C ARG A 126 12.74 7.74 -5.05
N LYS A 127 12.17 8.95 -5.14
CA LYS A 127 11.48 9.57 -4.02
C LYS A 127 9.95 9.27 -3.98
N ASN A 128 9.29 9.75 -2.94
CA ASN A 128 7.85 9.60 -2.74
C ASN A 128 7.38 8.15 -2.66
N LEU A 129 8.11 7.35 -1.90
CA LEU A 129 7.75 5.99 -1.59
C LEU A 129 7.35 5.86 -0.13
N ILE A 130 6.35 5.02 0.12
CA ILE A 130 5.99 4.58 1.46
C ILE A 130 6.02 3.06 1.46
N PHE A 131 6.84 2.45 2.32
CA PHE A 131 6.90 0.99 2.45
C PHE A 131 5.98 0.56 3.55
N SER A 132 5.14 -0.41 3.31
CA SER A 132 4.27 -0.89 4.36
C SER A 132 4.29 -2.41 4.38
N SER A 133 3.84 -2.93 5.51
CA SER A 133 3.79 -4.38 5.72
C SER A 133 3.00 -4.67 6.98
N PHE A 134 2.38 -5.85 7.03
CA PHE A 134 1.82 -6.35 8.28
C PHE A 134 2.93 -6.93 9.21
N ASP A 135 4.13 -7.10 8.65
CA ASP A 135 5.32 -7.58 9.37
C ASP A 135 6.04 -6.37 9.99
N LEU A 136 5.59 -6.01 11.18
CA LEU A 136 6.04 -4.77 11.77
C LEU A 136 7.53 -4.85 12.14
N ASP A 137 7.99 -6.01 12.58
CA ASP A 137 9.40 -6.19 12.91
C ASP A 137 10.28 -5.97 11.68
N LEU A 138 9.84 -6.45 10.53
CA LEU A 138 10.61 -6.28 9.30
C LEU A 138 10.86 -4.81 9.03
N LEU A 139 9.82 -4.01 9.19
CA LEU A 139 9.94 -2.57 8.93
C LEU A 139 10.92 -1.95 9.91
N ASP A 140 10.74 -2.26 11.19
CA ASP A 140 11.60 -1.67 12.22
C ASP A 140 13.06 -2.10 12.07
N GLU A 141 13.30 -3.32 11.59
CA GLU A 141 14.65 -3.83 11.46
C GLU A 141 15.37 -3.37 10.20
N LYS A 142 14.65 -3.30 9.09
CA LYS A 142 15.30 -3.10 7.78
C LYS A 142 14.96 -1.81 7.08
N PHE A 143 13.92 -1.11 7.54
CA PHE A 143 13.43 0.08 6.81
C PHE A 143 13.69 1.40 7.54
N LYS A 144 14.54 1.38 8.56
CA LYS A 144 14.91 2.64 9.17
C LYS A 144 15.55 3.54 8.12
N GLY A 145 15.27 4.83 8.24
CA GLY A 145 15.73 5.79 7.25
C GLY A 145 14.93 5.87 5.96
N THR A 146 13.78 5.21 5.92
CA THR A 146 12.79 5.33 4.86
C THR A 146 11.46 5.67 5.52
N LYS A 147 10.49 6.08 4.71
CA LYS A 147 9.10 6.26 5.16
C LYS A 147 8.42 4.92 5.18
N TYR A 148 8.01 4.47 6.35
CA TYR A 148 7.25 3.25 6.41
C TYR A 148 6.03 3.41 7.26
N GLY A 149 5.09 2.52 6.94
CA GLY A 149 3.82 2.50 7.56
C GLY A 149 3.47 1.11 8.03
N TYR A 150 3.02 1.04 9.26
CA TYR A 150 2.55 -0.21 9.80
C TYR A 150 1.16 -0.51 9.27
N LEU A 151 0.95 -1.71 8.69
CA LEU A 151 -0.38 -2.19 8.37
C LEU A 151 -0.87 -2.93 9.58
N ILE A 152 -2.07 -2.57 10.03
CA ILE A 152 -2.62 -3.14 11.25
C ILE A 152 -3.72 -4.14 10.96
N ASP A 153 -3.63 -5.32 11.55
CA ASP A 153 -4.70 -6.34 11.46
C ASP A 153 -5.11 -6.71 12.88
N GLU A 154 -5.95 -7.74 13.03
CA GLU A 154 -6.54 -8.03 14.33
C GLU A 154 -5.52 -8.49 15.37
N GLU A 155 -4.43 -9.10 14.90
CA GLU A 155 -3.47 -9.76 15.77
C GLU A 155 -2.12 -9.04 15.91
N ASN A 156 -1.63 -8.42 14.84
CA ASN A 156 -0.21 -8.11 14.78
C ASN A 156 0.26 -7.04 15.77
N TYR A 157 -0.66 -6.17 16.19
CA TYR A 157 -0.30 -5.05 17.08
C TYR A 157 -0.17 -5.48 18.55
N GLY A 158 -0.51 -6.74 18.83
CA GLY A 158 -0.51 -7.27 20.18
C GLY A 158 -1.63 -6.60 20.97
N SER A 159 -1.26 -5.91 22.04
CA SER A 159 -2.25 -5.13 22.80
C SER A 159 -2.18 -3.68 22.35
N ILE A 160 -3.26 -2.91 22.56
CA ILE A 160 -3.22 -1.47 22.28
C ILE A 160 -2.07 -0.81 23.02
N GLU A 161 -1.84 -1.17 24.28
CA GLU A 161 -0.76 -0.55 25.03
C GLU A 161 0.60 -0.81 24.40
N ASN A 162 0.83 -2.05 23.96
CA ASN A 162 2.09 -2.40 23.33
C ASN A 162 2.24 -1.68 21.99
N PHE A 163 1.14 -1.51 21.28
CA PHE A 163 1.19 -0.83 20.01
C PHE A 163 1.55 0.64 20.20
N VAL A 164 0.95 1.28 21.19
CA VAL A 164 1.30 2.66 21.49
C VAL A 164 2.78 2.79 21.83
N GLU A 165 3.31 1.85 22.63
CA GLU A 165 4.72 1.84 23.00
C GLU A 165 5.60 1.72 21.74
N ARG A 166 5.20 0.83 20.83
CA ARG A 166 5.96 0.60 19.61
C ARG A 166 6.02 1.83 18.73
N VAL A 167 4.87 2.46 18.55
CA VAL A 167 4.78 3.62 17.67
C VAL A 167 5.62 4.77 18.25
N GLU A 168 5.53 4.98 19.56
CA GLU A 168 6.39 5.98 20.24
C GLU A 168 7.88 5.72 20.07
N LYS A 169 8.25 4.44 20.22
CA LYS A 169 9.64 4.04 20.22
C LYS A 169 10.26 4.11 18.82
N GLU A 170 9.49 3.70 17.81
CA GLU A 170 9.98 3.49 16.45
C GLU A 170 9.67 4.59 15.47
N ARG A 171 8.66 5.40 15.77
CA ARG A 171 8.27 6.54 14.94
C ARG A 171 8.10 6.16 13.47
N PRO A 172 7.13 5.29 13.17
CA PRO A 172 6.77 5.08 11.77
C PRO A 172 6.28 6.39 11.17
N TYR A 173 6.48 6.56 9.87
CA TYR A 173 5.92 7.70 9.18
C TYR A 173 4.40 7.68 9.21
N SER A 174 3.82 6.49 9.01
CA SER A 174 2.38 6.36 8.85
C SER A 174 1.85 5.09 9.52
N LEU A 175 0.54 5.11 9.75
CA LEU A 175 -0.20 3.95 10.23
C LEU A 175 -1.33 3.71 9.24
N HIS A 176 -1.45 2.47 8.78
CA HIS A 176 -2.41 2.11 7.75
C HIS A 176 -3.43 1.20 8.42
N VAL A 177 -4.57 1.77 8.74
CA VAL A 177 -5.54 1.14 9.63
C VAL A 177 -6.81 0.79 8.86
N PRO A 178 -7.43 -0.32 9.20
CA PRO A 178 -8.70 -0.66 8.59
C PRO A 178 -9.73 0.38 8.96
N TYR A 179 -10.60 0.76 8.04
CA TYR A 179 -11.58 1.79 8.40
C TYR A 179 -12.52 1.43 9.56
N GLN A 180 -12.71 0.13 9.79
CA GLN A 180 -13.52 -0.37 10.88
C GLN A 180 -12.94 -0.02 12.25
N ALA A 181 -11.66 0.35 12.29
CA ALA A 181 -11.04 0.81 13.55
C ALA A 181 -11.76 2.02 14.14
N PHE A 182 -12.36 2.85 13.28
CA PHE A 182 -13.03 4.07 13.73
C PHE A 182 -14.40 3.87 14.39
N GLU A 183 -14.84 2.63 14.49
CA GLU A 183 -16.06 2.27 15.21
C GLU A 183 -15.91 2.31 16.73
N LEU A 184 -14.69 2.29 17.23
CA LEU A 184 -14.41 2.27 18.68
C LEU A 184 -13.86 3.62 19.11
N GLU A 185 -14.50 4.25 20.08
CA GLU A 185 -14.10 5.59 20.52
C GLU A 185 -12.67 5.60 21.08
N TYR A 186 -12.24 4.56 21.79
CA TYR A 186 -10.87 4.58 22.32
C TYR A 186 -9.84 4.47 21.20
N ALA A 187 -10.12 3.66 20.19
CA ALA A 187 -9.26 3.60 19.02
C ALA A 187 -9.14 4.97 18.35
N VAL A 188 -10.27 5.65 18.19
CA VAL A 188 -10.27 7.01 17.63
C VAL A 188 -9.34 7.92 18.45
N GLU A 189 -9.44 7.82 19.77
CA GLU A 189 -8.61 8.63 20.66
C GLU A 189 -7.12 8.34 20.48
N VAL A 190 -6.78 7.05 20.42
CA VAL A 190 -5.40 6.64 20.21
C VAL A 190 -4.85 7.18 18.88
N LEU A 191 -5.63 7.06 17.82
CA LEU A 191 -5.17 7.52 16.52
C LEU A 191 -5.02 9.05 16.52
N ARG A 192 -5.91 9.75 17.19
CA ARG A 192 -5.76 11.20 17.31
C ARG A 192 -4.44 11.58 17.99
N SER A 193 -4.06 10.81 19.00
CA SER A 193 -2.83 11.07 19.74
C SER A 193 -1.62 10.90 18.82
N PHE A 194 -1.67 9.86 17.99
CA PHE A 194 -0.60 9.59 17.04
C PHE A 194 -0.49 10.76 16.02
N ARG A 195 -1.63 11.21 15.52
CA ARG A 195 -1.67 12.26 14.50
C ARG A 195 -1.14 13.58 15.05
N LYS A 196 -1.42 13.85 16.33
CA LYS A 196 -0.95 15.05 16.99
C LYS A 196 0.59 15.09 17.04
N LYS A 197 1.20 13.91 17.11
CA LYS A 197 2.66 13.77 16.99
C LYS A 197 3.23 13.82 15.58
N GLY A 198 2.39 13.85 14.55
CA GLY A 198 2.84 14.03 13.17
C GLY A 198 2.82 12.73 12.37
N ILE A 199 2.33 11.66 12.99
CA ILE A 199 2.15 10.39 12.26
C ILE A 199 0.97 10.51 11.30
N VAL A 200 1.16 10.03 10.08
CA VAL A 200 0.19 10.13 9.00
C VAL A 200 -0.74 8.92 9.06
N ILE A 201 -2.04 9.16 9.05
CA ILE A 201 -3.00 8.06 9.17
C ILE A 201 -3.66 7.79 7.82
N PHE A 202 -3.49 6.58 7.30
CA PHE A 202 -4.16 6.12 6.09
C PHE A 202 -5.19 5.08 6.50
N VAL A 203 -6.33 5.09 5.82
CA VAL A 203 -7.31 4.03 6.00
C VAL A 203 -7.46 3.19 4.75
N TRP A 204 -7.75 1.90 4.91
CA TRP A 204 -7.93 0.97 3.80
C TRP A 204 -8.98 -0.08 4.12
N THR A 205 -9.52 -0.78 3.11
CA THR A 205 -9.59 -0.37 1.73
C THR A 205 -11.01 0.16 1.61
N LEU A 206 -11.11 1.48 1.48
CA LEU A 206 -12.40 2.13 1.69
C LEU A 206 -13.02 2.51 0.36
N ASN A 207 -14.19 1.96 0.09
CA ASN A 207 -14.93 2.25 -1.13
C ASN A 207 -16.28 2.93 -0.87
N ASP A 208 -16.62 3.11 0.40
CA ASP A 208 -17.95 3.58 0.82
C ASP A 208 -17.85 5.06 1.14
N PRO A 209 -18.47 5.91 0.32
CA PRO A 209 -18.35 7.37 0.55
C PRO A 209 -18.99 7.88 1.83
N GLU A 210 -19.98 7.17 2.37
CA GLU A 210 -20.60 7.59 3.60
C GLU A 210 -19.67 7.38 4.77
N ILE A 211 -19.03 6.23 4.83
CA ILE A 211 -18.04 6.00 5.89
C ILE A 211 -16.90 7.00 5.75
N TYR A 212 -16.48 7.27 4.53
CA TYR A 212 -15.43 8.25 4.29
C TYR A 212 -15.80 9.61 4.87
N ARG A 213 -17.02 10.08 4.61
CA ARG A 213 -17.43 11.38 5.12
C ARG A 213 -17.38 11.43 6.64
N LYS A 214 -17.81 10.34 7.28
CA LYS A 214 -17.86 10.27 8.73
C LYS A 214 -16.47 10.34 9.35
N ILE A 215 -15.46 9.79 8.67
CA ILE A 215 -14.13 9.70 9.28
C ILE A 215 -13.09 10.64 8.70
N ARG A 216 -13.41 11.39 7.66
CA ARG A 216 -12.32 12.03 6.92
C ARG A 216 -11.58 13.13 7.68
N ARG A 217 -12.21 13.71 8.70
CA ARG A 217 -11.53 14.66 9.56
C ARG A 217 -10.43 14.01 10.39
N GLU A 218 -10.47 12.67 10.50
CA GLU A 218 -9.54 11.90 11.34
C GLU A 218 -8.35 11.33 10.59
N ILE A 219 -8.34 11.47 9.25
CA ILE A 219 -7.37 10.78 8.45
C ILE A 219 -6.62 11.72 7.52
N ASP A 220 -5.44 11.26 7.12
CA ASP A 220 -4.59 11.96 6.17
C ASP A 220 -4.65 11.37 4.75
N GLY A 221 -5.09 10.14 4.63
CA GLY A 221 -5.09 9.43 3.37
C GLY A 221 -6.05 8.27 3.35
N VAL A 222 -6.41 7.91 2.13
CA VAL A 222 -7.33 6.80 1.88
C VAL A 222 -6.80 5.94 0.75
N ILE A 223 -6.88 4.62 0.93
CA ILE A 223 -6.55 3.66 -0.07
C ILE A 223 -7.87 3.07 -0.54
N THR A 224 -8.19 3.24 -1.81
CA THR A 224 -9.49 2.92 -2.36
C THR A 224 -9.40 2.29 -3.73
N ASP A 225 -10.36 1.42 -4.07
CA ASP A 225 -10.48 0.93 -5.44
C ASP A 225 -11.17 1.95 -6.36
N GLU A 226 -11.96 2.85 -5.78
CA GLU A 226 -12.84 3.76 -6.51
C GLU A 226 -12.21 5.13 -6.61
N VAL A 227 -11.17 5.22 -7.45
CA VAL A 227 -10.36 6.41 -7.51
C VAL A 227 -11.11 7.68 -7.91
N GLU A 228 -11.86 7.65 -9.02
CA GLU A 228 -12.55 8.86 -9.46
C GLU A 228 -13.54 9.36 -8.41
N LEU A 229 -14.28 8.42 -7.81
CA LEU A 229 -15.24 8.75 -6.77
C LEU A 229 -14.56 9.54 -5.65
N PHE A 230 -13.46 9.02 -5.12
CA PHE A 230 -12.85 9.62 -3.96
C PHE A 230 -12.10 10.90 -4.30
N VAL A 231 -11.56 10.97 -5.50
CA VAL A 231 -10.97 12.23 -5.96
C VAL A 231 -12.03 13.33 -6.00
N LYS A 232 -13.24 13.02 -6.49
CA LYS A 232 -14.32 13.99 -6.63
C LYS A 232 -14.99 14.35 -5.31
N LEU A 233 -14.73 13.57 -4.26
CA LEU A 233 -15.22 13.88 -2.93
C LEU A 233 -14.35 14.89 -2.23
N ARG A 234 -13.18 15.21 -2.80
CA ARG A 234 -12.25 16.15 -2.19
C ARG A 234 -12.98 17.36 -1.61
NA NA B . 14.11 6.28 -2.40
#